data_7MLC
#
_entry.id   7MLC
#
_cell.length_a   59.545
_cell.length_b   64.394
_cell.length_c   44.597
_cell.angle_alpha   90.000
_cell.angle_beta   108.802
_cell.angle_gamma   90.000
#
_symmetry.space_group_name_H-M   'C 1 2 1'
#
loop_
_entity.id
_entity.type
_entity.pdbx_description
1 polymer 'Abscisic acid receptor PYL10'
2 non-polymer GLYCEROL
3 non-polymer '1-{2-[3,5-dicyclopropyl-4-(4-{[(quinoxaline-2-carbonyl)amino]methyl}-1H-1,2,3-triazol-1-yl)phenyl]acetamido}cyclohexane-1-carboxylic acid'
4 water water
#
_entity_poly.entity_id   1
_entity_poly.type   'polypeptide(L)'
_entity_poly.pdbx_seq_one_letter_code
;SQCSSTLVKHIKAPLHLVWSIVRRFDEPQKYKPFISRCVVQGKKLEVGSVREVDLKSGLPATKSTEVLEILDDNEHILGI
RIVGGDHRLKNYSSTISLHSETIDGKTGTLAIESFVVDVPEGNTKEETCFFVEALIQCNLNSLADVTERLQAESMEKKI
;
_entity_poly.pdbx_strand_id   A
#
loop_
_chem_comp.id
_chem_comp.type
_chem_comp.name
_chem_comp.formula
GOL non-polymer GLYCEROL 'C3 H8 O3'
ZLA non-polymer '1-{2-[3,5-dicyclopropyl-4-(4-{[(quinoxaline-2-carbonyl)amino]methyl}-1H-1,2,3-triazol-1-yl)phenyl]acetamido}cyclohexane-1-carboxylic acid' 'C33 H35 N7 O4'
#
# COMPACT_ATOMS: atom_id res chain seq x y z
N SER A 1 -4.89 20.61 10.12
CA SER A 1 -4.63 19.46 10.97
C SER A 1 -4.32 18.23 10.14
N GLN A 2 -3.89 17.16 10.80
CA GLN A 2 -3.49 15.93 10.14
C GLN A 2 -4.16 14.76 10.82
N CYS A 3 -4.29 13.66 10.07
CA CYS A 3 -4.49 12.35 10.66
C CYS A 3 -3.23 11.52 10.46
N SER A 4 -2.78 10.86 11.53
CA SER A 4 -1.68 9.92 11.47
C SER A 4 -2.12 8.64 12.16
N SER A 5 -1.88 7.49 11.54
CA SER A 5 -2.35 6.24 12.12
C SER A 5 -1.50 5.09 11.60
N THR A 6 -1.61 3.96 12.28
CA THR A 6 -0.91 2.75 11.90
C THR A 6 -1.89 1.58 11.92
N LEU A 7 -1.79 0.73 10.90
CA LEU A 7 -2.59 -0.48 10.81
C LEU A 7 -1.66 -1.69 10.75
N VAL A 8 -2.15 -2.80 11.29
CA VAL A 8 -1.39 -4.04 11.38
C VAL A 8 -2.22 -5.15 10.74
N LYS A 9 -1.55 -6.03 9.98
CA LYS A 9 -2.21 -7.18 9.38
C LYS A 9 -1.34 -8.41 9.53
N HIS A 10 -1.93 -9.50 10.02
CA HIS A 10 -1.25 -10.78 10.11
C HIS A 10 -1.61 -11.62 8.88
N ILE A 11 -0.59 -12.05 8.15
CA ILE A 11 -0.75 -12.72 6.86
C ILE A 11 -0.14 -14.11 6.95
N LYS A 12 -0.90 -15.12 6.51
CA LYS A 12 -0.46 -16.52 6.60
C LYS A 12 0.25 -16.95 5.31
N ALA A 13 1.34 -16.26 5.03
CA ALA A 13 2.20 -16.53 3.88
C ALA A 13 3.61 -16.10 4.25
N PRO A 14 4.64 -16.70 3.65
CA PRO A 14 6.02 -16.35 4.03
C PRO A 14 6.42 -14.97 3.52
N LEU A 15 7.32 -14.33 4.27
CA LEU A 15 7.69 -12.95 3.97
C LEU A 15 8.17 -12.77 2.53
N HIS A 16 9.00 -13.70 2.04
CA HIS A 16 9.53 -13.50 0.70
C HIS A 16 8.42 -13.45 -0.35
N LEU A 17 7.34 -14.20 -0.15
CA LEU A 17 6.22 -14.14 -1.09
C LEU A 17 5.47 -12.82 -0.94
N VAL A 18 5.17 -12.42 0.29
CA VAL A 18 4.44 -11.17 0.48
C VAL A 18 5.26 -9.99 -0.01
N TRP A 19 6.57 -9.97 0.28
CA TRP A 19 7.40 -8.85 -0.13
C TRP A 19 7.51 -8.77 -1.65
N SER A 20 7.55 -9.92 -2.32
CA SER A 20 7.64 -9.91 -3.78
C SER A 20 6.45 -9.19 -4.40
N ILE A 21 5.33 -9.15 -3.69
CA ILE A 21 4.16 -8.38 -4.15
C ILE A 21 4.25 -6.93 -3.71
N VAL A 22 4.52 -6.69 -2.43
CA VAL A 22 4.50 -5.33 -1.90
C VAL A 22 5.57 -4.47 -2.56
N ARG A 23 6.73 -5.06 -2.88
CA ARG A 23 7.84 -4.26 -3.39
C ARG A 23 7.61 -3.73 -4.79
N ARG A 24 6.61 -4.25 -5.52
CA ARG A 24 6.41 -3.87 -6.92
C ARG A 24 5.70 -2.52 -6.96
N PHE A 25 6.49 -1.46 -6.75
CA PHE A 25 6.01 -0.08 -6.84
C PHE A 25 5.30 0.19 -8.16
N ASP A 26 5.64 -0.56 -9.20
CA ASP A 26 5.05 -0.39 -10.52
C ASP A 26 3.77 -1.19 -10.73
N GLU A 27 3.39 -2.06 -9.80
CA GLU A 27 2.20 -2.91 -9.95
C GLU A 27 1.35 -2.94 -8.68
N PRO A 28 0.90 -1.77 -8.19
CA PRO A 28 0.03 -1.78 -7.00
C PRO A 28 -1.28 -2.48 -7.26
N GLN A 29 -1.76 -2.52 -8.51
CA GLN A 29 -3.04 -3.14 -8.82
C GLN A 29 -3.06 -4.63 -8.55
N LYS A 30 -1.91 -5.26 -8.34
CA LYS A 30 -1.90 -6.69 -8.05
C LYS A 30 -2.62 -7.02 -6.76
N TYR A 31 -2.71 -6.07 -5.81
CA TYR A 31 -3.53 -6.33 -4.64
C TYR A 31 -4.37 -5.16 -4.15
N LYS A 32 -4.19 -3.94 -4.65
CA LYS A 32 -5.01 -2.83 -4.20
C LYS A 32 -6.28 -2.77 -5.06
N PRO A 33 -7.45 -3.13 -4.50
CA PRO A 33 -8.63 -3.37 -5.35
C PRO A 33 -9.14 -2.14 -6.09
N PHE A 34 -8.84 -0.93 -5.62
CA PHE A 34 -9.41 0.24 -6.26
C PHE A 34 -8.52 0.81 -7.37
N ILE A 35 -7.41 0.15 -7.66
CA ILE A 35 -6.46 0.62 -8.66
C ILE A 35 -6.56 -0.27 -9.90
N SER A 36 -6.58 0.36 -11.08
CA SER A 36 -6.71 -0.33 -12.36
C SER A 36 -5.37 -0.57 -13.05
N ARG A 37 -4.57 0.48 -13.21
CA ARG A 37 -3.35 0.45 -13.99
C ARG A 37 -2.31 1.33 -13.31
N CYS A 38 -1.07 1.16 -13.73
CA CYS A 38 0.04 1.93 -13.15
C CYS A 38 1.19 1.94 -14.14
N VAL A 39 1.80 3.11 -14.35
CA VAL A 39 2.94 3.25 -15.26
C VAL A 39 4.07 3.97 -14.55
N VAL A 40 5.28 3.43 -14.67
CA VAL A 40 6.50 4.05 -14.15
C VAL A 40 7.50 4.16 -15.29
N GLN A 41 8.12 5.32 -15.42
CA GLN A 41 9.16 5.54 -16.42
C GLN A 41 10.54 5.18 -15.85
N GLY A 42 11.43 4.77 -16.76
CA GLY A 42 12.83 4.60 -16.40
C GLY A 42 13.08 3.35 -15.57
N LYS A 43 14.02 3.47 -14.62
CA LYS A 43 14.26 2.42 -13.64
C LYS A 43 13.12 2.44 -12.64
N LYS A 44 12.22 1.45 -12.75
CA LYS A 44 10.92 1.54 -12.10
C LYS A 44 10.99 1.45 -10.58
N LEU A 45 12.09 0.96 -10.01
CA LEU A 45 12.15 0.68 -8.59
C LEU A 45 13.29 1.43 -7.92
N GLU A 46 13.47 2.69 -8.30
CA GLU A 46 14.52 3.54 -7.75
C GLU A 46 13.90 4.69 -6.96
N VAL A 47 14.55 5.07 -5.86
CA VAL A 47 14.05 6.19 -5.06
C VAL A 47 13.93 7.42 -5.95
N GLY A 48 12.80 8.11 -5.83
CA GLY A 48 12.48 9.19 -6.73
C GLY A 48 11.65 8.78 -7.94
N SER A 49 11.52 7.48 -8.21
CA SER A 49 10.62 7.01 -9.26
C SER A 49 9.23 7.58 -9.03
N VAL A 50 8.57 7.94 -10.14
CA VAL A 50 7.21 8.46 -10.11
C VAL A 50 6.31 7.43 -10.77
N ARG A 51 5.22 7.05 -10.11
CA ARG A 51 4.21 6.21 -10.74
C ARG A 51 2.96 7.04 -11.02
N GLU A 52 2.40 6.85 -12.20
CA GLU A 52 1.10 7.41 -12.55
C GLU A 52 0.06 6.30 -12.42
N VAL A 53 -0.89 6.48 -11.50
CA VAL A 53 -1.83 5.43 -11.11
C VAL A 53 -3.20 5.77 -11.68
N ASP A 54 -3.82 4.80 -12.35
CA ASP A 54 -5.20 4.94 -12.82
C ASP A 54 -6.12 4.20 -11.84
N LEU A 55 -7.12 4.91 -11.34
CA LEU A 55 -8.09 4.27 -10.47
C LEU A 55 -9.13 3.54 -11.30
N LYS A 56 -9.83 2.61 -10.67
CA LYS A 56 -10.93 1.94 -11.34
C LYS A 56 -12.01 2.95 -11.69
N SER A 57 -12.70 2.68 -12.80
CA SER A 57 -13.78 3.56 -13.26
C SER A 57 -14.91 3.59 -12.24
N GLY A 58 -15.55 4.75 -12.13
CA GLY A 58 -16.69 4.87 -11.26
C GLY A 58 -16.39 5.37 -9.88
N LEU A 59 -15.21 5.97 -9.68
CA LEU A 59 -14.81 6.61 -8.44
C LEU A 59 -14.81 8.12 -8.60
N PRO A 60 -14.82 8.88 -7.49
CA PRO A 60 -14.78 10.34 -7.64
C PRO A 60 -13.48 10.85 -8.26
N ALA A 61 -12.34 10.26 -7.93
CA ALA A 61 -11.08 10.59 -8.60
C ALA A 61 -10.79 9.54 -9.69
N THR A 62 -9.82 9.87 -10.55
CA THR A 62 -9.41 8.97 -11.62
C THR A 62 -7.92 8.65 -11.63
N LYS A 63 -7.07 9.46 -11.00
CA LYS A 63 -5.64 9.26 -11.13
C LYS A 63 -4.93 9.81 -9.91
N SER A 64 -3.78 9.20 -9.60
CA SER A 64 -2.87 9.65 -8.55
C SER A 64 -1.46 9.63 -9.11
N THR A 65 -0.64 10.58 -8.67
CA THR A 65 0.78 10.64 -9.01
C THR A 65 1.53 10.47 -7.69
N GLU A 66 2.42 9.48 -7.62
CA GLU A 66 3.02 9.10 -6.34
C GLU A 66 4.51 8.88 -6.55
N VAL A 67 5.30 9.23 -5.52
N VAL A 67 5.30 9.22 -5.53
CA VAL A 67 6.75 9.17 -5.59
CA VAL A 67 6.76 9.17 -5.62
C VAL A 67 7.26 8.08 -4.67
C VAL A 67 7.28 8.11 -4.66
N LEU A 68 8.26 7.33 -5.12
CA LEU A 68 8.91 6.32 -4.30
C LEU A 68 9.89 7.02 -3.37
N GLU A 69 9.61 7.01 -2.06
CA GLU A 69 10.52 7.65 -1.12
C GLU A 69 11.52 6.67 -0.52
N ILE A 70 11.09 5.43 -0.30
CA ILE A 70 11.94 4.41 0.31
C ILE A 70 11.63 3.07 -0.35
N LEU A 71 12.67 2.34 -0.75
CA LEU A 71 12.55 0.93 -1.11
C LEU A 71 13.77 0.20 -0.54
N ASP A 72 13.56 -0.48 0.59
CA ASP A 72 14.61 -1.21 1.32
C ASP A 72 14.32 -2.69 1.16
N ASP A 73 15.07 -3.35 0.28
CA ASP A 73 14.86 -4.77 0.03
C ASP A 73 15.48 -5.65 1.09
N ASN A 74 16.28 -5.06 1.99
CA ASN A 74 16.88 -5.82 3.08
C ASN A 74 16.00 -5.85 4.31
N GLU A 75 15.41 -4.71 4.68
CA GLU A 75 14.52 -4.67 5.82
C GLU A 75 13.05 -4.62 5.42
N HIS A 76 12.74 -4.64 4.13
CA HIS A 76 11.37 -4.80 3.64
C HIS A 76 10.50 -3.60 4.04
N ILE A 77 10.94 -2.43 3.60
CA ILE A 77 10.27 -1.17 3.86
C ILE A 77 9.98 -0.51 2.53
N LEU A 78 8.72 -0.12 2.34
CA LEU A 78 8.30 0.66 1.17
C LEU A 78 7.66 1.95 1.67
N GLY A 79 8.17 3.09 1.20
CA GLY A 79 7.57 4.37 1.56
C GLY A 79 7.23 5.14 0.30
N ILE A 80 6.02 5.73 0.25
CA ILE A 80 5.57 6.49 -0.91
C ILE A 80 4.98 7.81 -0.45
N ARG A 81 4.87 8.75 -1.39
CA ARG A 81 4.18 10.01 -1.11
C ARG A 81 3.34 10.37 -2.33
N ILE A 82 2.11 10.79 -2.10
CA ILE A 82 1.23 11.22 -3.20
C ILE A 82 1.50 12.69 -3.48
N VAL A 83 1.72 13.04 -4.75
CA VAL A 83 2.13 14.38 -5.14
C VAL A 83 1.24 14.98 -6.22
N GLY A 84 0.18 14.30 -6.64
CA GLY A 84 -0.73 14.87 -7.60
C GLY A 84 -1.91 13.93 -7.79
N GLY A 85 -2.84 14.36 -8.64
CA GLY A 85 -4.03 13.57 -8.90
C GLY A 85 -5.31 14.35 -8.67
N ASP A 86 -6.44 13.87 -9.17
CA ASP A 86 -7.69 14.63 -9.09
C ASP A 86 -8.55 14.17 -7.93
N HIS A 87 -7.90 14.02 -6.78
CA HIS A 87 -8.47 13.64 -5.50
C HIS A 87 -8.19 14.76 -4.49
N ARG A 88 -8.61 14.54 -3.24
CA ARG A 88 -8.49 15.56 -2.20
C ARG A 88 -7.52 15.17 -1.09
N LEU A 89 -6.63 14.20 -1.33
CA LEU A 89 -5.62 13.85 -0.34
C LEU A 89 -4.40 14.73 -0.58
N LYS A 90 -4.11 15.61 0.36
CA LYS A 90 -2.94 16.49 0.28
C LYS A 90 -1.91 16.05 1.30
N ASN A 91 -0.65 16.06 0.88
CA ASN A 91 0.47 15.71 1.75
C ASN A 91 0.28 14.32 2.35
N TYR A 92 -0.18 13.38 1.53
CA TYR A 92 -0.30 11.99 1.96
C TYR A 92 1.04 11.27 1.81
N SER A 93 1.47 10.58 2.87
CA SER A 93 2.63 9.73 2.72
C SER A 93 2.43 8.52 3.61
N SER A 94 3.08 7.41 3.24
CA SER A 94 2.89 6.19 4.01
C SER A 94 4.13 5.33 3.96
N THR A 95 4.23 4.45 4.95
CA THR A 95 5.31 3.48 5.03
C THR A 95 4.69 2.14 5.36
N ILE A 96 5.05 1.10 4.62
CA ILE A 96 4.70 -0.26 5.02
C ILE A 96 5.98 -1.04 5.20
N SER A 97 6.06 -1.80 6.29
CA SER A 97 7.16 -2.74 6.47
C SER A 97 6.59 -4.12 6.77
N LEU A 98 7.37 -5.16 6.42
CA LEU A 98 6.99 -6.55 6.60
C LEU A 98 8.00 -7.25 7.48
N HIS A 99 7.50 -8.19 8.29
CA HIS A 99 8.34 -8.87 9.26
C HIS A 99 7.85 -10.29 9.41
N SER A 100 8.80 -11.23 9.48
CA SER A 100 8.47 -12.62 9.69
C SER A 100 7.92 -12.83 11.10
N GLU A 101 7.01 -13.78 11.22
CA GLU A 101 6.44 -14.12 12.52
C GLU A 101 5.90 -15.53 12.44
N THR A 102 5.51 -16.05 13.61
CA THR A 102 4.98 -17.41 13.73
C THR A 102 3.63 -17.32 14.43
N ILE A 103 2.55 -17.66 13.72
CA ILE A 103 1.22 -17.74 14.31
C ILE A 103 0.66 -19.13 14.09
N ASP A 104 0.11 -19.72 15.16
CA ASP A 104 -0.40 -21.09 15.14
C ASP A 104 0.68 -22.07 14.66
N GLY A 105 1.91 -21.85 15.11
CA GLY A 105 3.02 -22.73 14.78
C GLY A 105 3.49 -22.69 13.35
N LYS A 106 2.95 -21.80 12.53
CA LYS A 106 3.31 -21.72 11.12
C LYS A 106 3.90 -20.35 10.81
N THR A 107 4.82 -20.32 9.85
CA THR A 107 5.46 -19.08 9.45
C THR A 107 4.48 -18.18 8.72
N GLY A 108 4.47 -16.91 9.09
CA GLY A 108 3.66 -15.92 8.41
C GLY A 108 4.37 -14.58 8.32
N THR A 109 3.62 -13.53 7.99
CA THR A 109 4.17 -12.20 7.78
C THR A 109 3.32 -11.18 8.51
N LEU A 110 3.98 -10.31 9.26
CA LEU A 110 3.35 -9.13 9.83
C LEU A 110 3.57 -7.95 8.89
N ALA A 111 2.49 -7.30 8.49
CA ALA A 111 2.56 -6.04 7.76
C ALA A 111 2.18 -4.91 8.71
N ILE A 112 3.01 -3.87 8.75
CA ILE A 112 2.72 -2.66 9.52
C ILE A 112 2.71 -1.50 8.53
N GLU A 113 1.59 -0.80 8.43
CA GLU A 113 1.47 0.30 7.48
C GLU A 113 1.01 1.56 8.22
N SER A 114 1.78 2.64 8.09
CA SER A 114 1.52 3.90 8.76
C SER A 114 1.36 5.00 7.72
N PHE A 115 0.50 5.97 8.01
CA PHE A 115 0.32 7.09 7.09
C PHE A 115 0.21 8.39 7.86
N VAL A 116 0.41 9.48 7.13
CA VAL A 116 0.14 10.84 7.60
C VAL A 116 -0.49 11.58 6.43
N VAL A 117 -1.59 12.30 6.68
CA VAL A 117 -2.28 13.02 5.62
C VAL A 117 -2.89 14.27 6.22
N ASP A 118 -3.02 15.31 5.40
CA ASP A 118 -3.74 16.50 5.83
C ASP A 118 -5.24 16.23 5.88
N VAL A 119 -5.90 16.88 6.83
CA VAL A 119 -7.37 16.89 6.87
C VAL A 119 -7.86 17.90 5.83
N PRO A 120 -8.58 17.47 4.81
CA PRO A 120 -8.99 18.39 3.75
C PRO A 120 -10.13 19.28 4.17
N GLU A 121 -10.18 20.47 3.56
CA GLU A 121 -11.28 21.39 3.81
C GLU A 121 -12.61 20.69 3.58
N GLY A 122 -13.52 20.83 4.55
CA GLY A 122 -14.84 20.25 4.48
C GLY A 122 -15.01 18.93 5.19
N ASN A 123 -13.93 18.33 5.68
CA ASN A 123 -13.99 17.08 6.41
C ASN A 123 -13.38 17.28 7.80
N THR A 124 -13.85 16.46 8.74
CA THR A 124 -13.28 16.42 10.07
C THR A 124 -12.06 15.50 10.09
N LYS A 125 -11.21 15.69 11.09
CA LYS A 125 -10.10 14.77 11.28
C LYS A 125 -10.61 13.34 11.44
N GLU A 126 -11.70 13.15 12.19
CA GLU A 126 -12.22 11.81 12.39
C GLU A 126 -12.65 11.18 11.07
N GLU A 127 -13.31 11.95 10.21
CA GLU A 127 -13.72 11.44 8.90
C GLU A 127 -12.51 11.07 8.06
N THR A 128 -11.45 11.88 8.14
CA THR A 128 -10.26 11.64 7.35
C THR A 128 -9.55 10.37 7.79
N CYS A 129 -9.38 10.19 9.09
CA CYS A 129 -8.80 8.95 9.62
C CYS A 129 -9.62 7.75 9.18
N PHE A 130 -10.95 7.84 9.31
CA PHE A 130 -11.80 6.71 8.97
C PHE A 130 -11.69 6.35 7.49
N PHE A 131 -11.72 7.36 6.62
CA PHE A 131 -11.58 7.15 5.17
C PHE A 131 -10.28 6.42 4.84
N VAL A 132 -9.14 6.93 5.32
CA VAL A 132 -7.87 6.32 4.95
C VAL A 132 -7.73 4.95 5.61
N GLU A 133 -8.13 4.84 6.88
CA GLU A 133 -7.98 3.57 7.58
C GLU A 133 -8.82 2.46 6.92
N ALA A 134 -10.04 2.79 6.49
CA ALA A 134 -10.87 1.77 5.86
C ALA A 134 -10.23 1.28 4.56
N LEU A 135 -9.61 2.19 3.80
CA LEU A 135 -9.00 1.81 2.53
C LEU A 135 -7.72 1.02 2.73
N ILE A 136 -6.89 1.44 3.69
CA ILE A 136 -5.69 0.66 3.98
C ILE A 136 -6.06 -0.72 4.50
N GLN A 137 -7.08 -0.80 5.37
CA GLN A 137 -7.54 -2.10 5.83
C GLN A 137 -8.01 -2.96 4.66
N CYS A 138 -8.73 -2.36 3.71
CA CYS A 138 -9.14 -3.10 2.53
C CYS A 138 -7.94 -3.61 1.75
N ASN A 139 -6.90 -2.78 1.59
CA ASN A 139 -5.70 -3.19 0.87
C ASN A 139 -4.94 -4.29 1.62
N LEU A 140 -4.80 -4.15 2.94
CA LEU A 140 -4.10 -5.19 3.70
C LEU A 140 -4.88 -6.51 3.69
N ASN A 141 -6.21 -6.43 3.80
CA ASN A 141 -7.02 -7.64 3.67
C ASN A 141 -6.82 -8.27 2.30
N SER A 142 -6.74 -7.44 1.25
CA SER A 142 -6.58 -7.99 -0.08
C SER A 142 -5.18 -8.56 -0.27
N LEU A 143 -4.16 -7.89 0.28
CA LEU A 143 -2.81 -8.46 0.22
C LEU A 143 -2.75 -9.83 0.89
N ALA A 144 -3.42 -9.98 2.04
CA ALA A 144 -3.46 -11.29 2.68
C ALA A 144 -4.17 -12.30 1.80
N ASP A 145 -5.30 -11.91 1.19
CA ASP A 145 -6.03 -12.84 0.32
C ASP A 145 -5.18 -13.26 -0.87
N VAL A 146 -4.50 -12.31 -1.50
CA VAL A 146 -3.72 -12.60 -2.70
C VAL A 146 -2.54 -13.50 -2.35
N THR A 147 -1.81 -13.18 -1.29
CA THR A 147 -0.62 -13.94 -0.99
C THR A 147 -0.94 -15.29 -0.34
N GLU A 148 -2.00 -15.37 0.46
CA GLU A 148 -2.36 -16.66 1.00
C GLU A 148 -2.86 -17.59 -0.09
N ARG A 149 -3.48 -17.03 -1.13
CA ARG A 149 -3.89 -17.86 -2.26
C ARG A 149 -2.69 -18.32 -3.07
N LEU A 150 -1.73 -17.41 -3.32
CA LEU A 150 -0.51 -17.84 -3.99
C LEU A 150 0.22 -18.91 -3.18
N GLN A 151 0.17 -18.80 -1.86
CA GLN A 151 0.79 -19.81 -1.01
C GLN A 151 0.12 -21.17 -1.19
N ALA A 152 -1.22 -21.19 -1.10
CA ALA A 152 -1.96 -22.43 -1.30
C ALA A 152 -1.69 -23.03 -2.67
N GLU A 153 -1.61 -22.19 -3.71
CA GLU A 153 -1.41 -22.69 -5.07
C GLU A 153 -0.04 -23.32 -5.23
N SER A 154 0.95 -22.87 -4.44
CA SER A 154 2.31 -23.40 -4.52
C SER A 154 2.49 -24.72 -3.78
N MET A 155 1.54 -25.08 -2.93
CA MET A 155 1.69 -26.29 -2.12
C MET A 155 1.18 -27.50 -2.88
N GLU A 156 1.79 -28.64 -2.61
CA GLU A 156 1.36 -29.87 -3.28
C GLU A 156 0.04 -30.36 -2.70
C1 GOL B . -12.44 -2.55 5.25
O1 GOL B . -13.18 -1.60 4.56
C2 GOL B . -13.07 -2.71 6.65
O2 GOL B . -12.52 -3.77 7.34
C3 GOL B . -12.85 -1.34 7.35
O3 GOL B . -13.91 -1.14 8.26
CAA ZLA C . -11.40 12.82 3.90
CAB ZLA C . -12.57 12.39 4.52
CAC ZLA C . -13.55 11.74 3.78
CAD ZLA C . -13.38 11.52 2.41
CAE ZLA C . -12.21 11.95 1.79
CAF ZLA C . -11.23 12.59 2.54
CAI ZLA C . -10.91 12.14 -0.15
CAJ ZLA C . -9.93 12.79 0.57
CAK ZLA C . -10.72 11.93 -1.52
CAN ZLA C . -11.78 11.14 -3.58
CAQ ZLA C . -11.11 9.82 -4.00
CAR ZLA C . -10.11 9.19 -3.40
CAT ZLA C . -9.03 7.08 -4.10
CAU ZLA C . -9.53 5.79 -3.88
CAV ZLA C . -7.64 7.27 -4.27
CAW ZLA C . -6.77 6.18 -4.21
CAX ZLA C . -7.27 4.89 -3.97
CAY ZLA C . -8.64 4.71 -3.83
CAZ ZLA C . -10.92 5.57 -3.75
CBA ZLA C . -11.59 5.86 -2.44
CBB ZLA C . -11.41 4.42 -2.90
CBC ZLA C . -7.15 8.57 -4.50
CBD ZLA C . -6.11 8.73 -5.58
CBE ZLA C . -5.71 8.86 -4.11
CBF ZLA C . -6.43 3.75 -3.94
CBG ZLA C . -5.62 3.46 -2.68
CBJ ZLA C . -4.05 4.40 -0.98
CBK ZLA C . -5.81 5.09 0.68
CBL ZLA C . -4.84 4.00 0.27
CBM ZLA C . -3.34 5.72 -0.75
CBN ZLA C . -4.33 6.82 -0.36
CBO ZLA C . -5.05 6.39 0.92
CBP ZLA C . -2.95 3.37 -1.30
NAG ZLA C . -10.11 13.01 1.94
NAH ZLA C . -12.03 11.75 0.47
NAL ZLA C . -11.76 11.37 -2.14
NAO ZLA C . -10.80 8.20 -5.19
NAP ZLA C . -11.49 9.14 -5.08
NAS ZLA C . -9.90 8.11 -4.18
NBH ZLA C . -4.95 4.50 -2.16
OAM ZLA C . -9.69 12.27 -2.11
OBI ZLA C . -5.55 2.30 -2.25
OBQ ZLA C . -2.48 2.71 -0.34
OBR ZLA C . -2.56 3.29 -2.48
#